data_7TRV
#
_entry.id   7TRV
#
_cell.length_a   30.943
_cell.length_b   146.270
_cell.length_c   33.701
_cell.angle_alpha   90.000
_cell.angle_beta   90.205
_cell.angle_gamma   90.000
#
_symmetry.space_group_name_H-M   'P 1 21 1'
#
loop_
_entity.id
_entity.type
_entity.pdbx_description
1 polymer 'LysR-family transcriptional regulatory protein'
2 non-polymer 'SULFATE ION'
3 non-polymer 'CHLORIDE ION'
4 non-polymer GLYCEROL
5 non-polymer 'FORMIC ACID'
6 water water
#
_entity_poly.entity_id   1
_entity_poly.type   'polypeptide(L)'
_entity_poly.pdbx_seq_one_letter_code
;SNA(MSE)HDLNDLYYYAEVVEHGGFSAAARVLGLPKSKLSRRLALLEERLGVRLIQRSTRRFAVTDVGRTYYEHCKA
(MSE)IEEARAAQESIDLTR
;
_entity_poly.pdbx_strand_id   A,B,C,D
#
# COMPACT_ATOMS: atom_id res chain seq x y z
N SER A 1 -18.72 -12.00 11.89
CA SER A 1 -18.31 -11.25 10.71
C SER A 1 -19.50 -10.57 10.05
N ASN A 2 -19.22 -9.57 9.22
CA ASN A 2 -20.25 -8.86 8.47
C ASN A 2 -19.81 -8.78 7.01
N ALA A 3 -20.44 -9.60 6.16
CA ALA A 3 -20.12 -9.61 4.75
C ALA A 3 -20.45 -8.29 4.06
N HIS A 5 -19.69 -5.13 5.16
CA HIS A 5 -18.97 -4.01 5.75
C HIS A 5 -18.67 -2.94 4.70
N ASP A 6 -18.07 -3.34 3.58
CA ASP A 6 -17.78 -2.40 2.49
C ASP A 6 -17.50 -3.23 1.24
N LEU A 7 -18.42 -3.16 0.28
CA LEU A 7 -18.27 -3.95 -0.93
C LEU A 7 -17.15 -3.45 -1.82
N ASN A 8 -16.77 -2.18 -1.69
CA ASN A 8 -15.67 -1.66 -2.49
C ASN A 8 -14.35 -2.34 -2.15
N ASP A 9 -14.17 -2.75 -0.89
CA ASP A 9 -12.97 -3.48 -0.51
C ASP A 9 -12.81 -4.75 -1.34
N LEU A 10 -13.89 -5.48 -1.56
CA LEU A 10 -13.82 -6.67 -2.39
C LEU A 10 -13.50 -6.31 -3.84
N TYR A 11 -14.02 -5.18 -4.30
CA TYR A 11 -13.72 -4.71 -5.66
C TYR A 11 -12.24 -4.40 -5.81
N TYR A 12 -11.68 -3.63 -4.87
CA TYR A 12 -10.29 -3.23 -4.97
C TYR A 12 -9.36 -4.43 -4.90
N TYR A 13 -9.62 -5.36 -3.97
CA TYR A 13 -8.78 -6.55 -3.84
C TYR A 13 -8.75 -7.35 -5.13
N ALA A 14 -9.91 -7.60 -5.72
CA ALA A 14 -9.96 -8.37 -6.96
C ALA A 14 -9.27 -7.63 -8.09
N GLU A 15 -9.30 -6.29 -8.08
CA GLU A 15 -8.66 -5.55 -9.15
C GLU A 15 -7.14 -5.51 -8.99
N VAL A 16 -6.65 -5.35 -7.75
CA VAL A 16 -5.21 -5.41 -7.52
C VAL A 16 -4.66 -6.77 -7.94
N VAL A 17 -5.39 -7.84 -7.61
CA VAL A 17 -5.01 -9.18 -8.05
C VAL A 17 -5.00 -9.26 -9.57
N GLU A 18 -6.10 -8.81 -10.19
CA GLU A 18 -6.25 -8.93 -11.64
C GLU A 18 -5.14 -8.21 -12.39
N HIS A 19 -4.62 -7.12 -11.84
CA HIS A 19 -3.66 -6.29 -12.55
C HIS A 19 -2.26 -6.34 -11.94
N GLY A 20 -1.97 -7.38 -11.16
CA GLY A 20 -0.59 -7.64 -10.75
C GLY A 20 0.00 -6.60 -9.82
N GLY A 21 -0.81 -5.99 -8.97
CA GLY A 21 -0.30 -5.11 -7.94
C GLY A 21 -0.95 -3.74 -8.01
N PHE A 22 -0.39 -2.82 -7.23
CA PHE A 22 -0.98 -1.49 -7.05
C PHE A 22 -0.66 -0.54 -8.19
N SER A 23 0.36 -0.82 -9.00
CA SER A 23 0.75 0.12 -10.05
C SER A 23 -0.31 0.19 -11.14
N ALA A 24 -0.70 -0.97 -11.67
CA ALA A 24 -1.74 -0.99 -12.70
C ALA A 24 -3.12 -0.73 -12.09
N ALA A 25 -3.38 -1.29 -10.91
CA ALA A 25 -4.69 -1.15 -10.28
C ALA A 25 -5.02 0.31 -9.99
N ALA A 26 -4.01 1.08 -9.55
CA ALA A 26 -4.23 2.50 -9.30
C ALA A 26 -4.70 3.22 -10.56
N ARG A 27 -4.10 2.88 -11.71
CA ARG A 27 -4.48 3.52 -12.95
C ARG A 27 -5.73 2.90 -13.56
N VAL A 28 -5.99 1.62 -13.27
CA VAL A 28 -7.24 1.01 -13.71
C VAL A 28 -8.41 1.59 -12.93
N LEU A 29 -8.24 1.78 -11.63
CA LEU A 29 -9.31 2.25 -10.76
C LEU A 29 -9.34 3.78 -10.61
N GLY A 30 -8.33 4.48 -11.12
CA GLY A 30 -8.29 5.92 -10.92
C GLY A 30 -8.20 6.32 -9.47
N LEU A 31 -7.42 5.58 -8.69
CA LEU A 31 -7.26 5.79 -7.26
C LEU A 31 -5.78 5.79 -6.93
N PRO A 32 -5.39 6.36 -5.80
CA PRO A 32 -3.98 6.34 -5.42
C PRO A 32 -3.56 4.99 -4.88
N LYS A 33 -2.29 4.65 -5.10
CA LYS A 33 -1.73 3.44 -4.51
C LYS A 33 -1.86 3.45 -2.99
N SER A 34 -1.71 4.63 -2.38
CA SER A 34 -1.79 4.76 -0.93
C SER A 34 -3.14 4.26 -0.42
N LYS A 35 -4.24 4.69 -1.06
CA LYS A 35 -5.55 4.25 -0.63
C LYS A 35 -5.75 2.76 -0.90
N LEU A 36 -5.35 2.29 -2.08
CA LEU A 36 -5.50 0.88 -2.41
C LEU A 36 -4.71 0.00 -1.44
N SER A 37 -3.51 0.44 -1.07
CA SER A 37 -2.70 -0.34 -0.14
C SER A 37 -3.30 -0.35 1.25
N ARG A 38 -3.83 0.78 1.70
CA ARG A 38 -4.42 0.84 3.04
C ARG A 38 -5.68 -0.02 3.12
N ARG A 39 -6.55 0.06 2.12
CA ARG A 39 -7.80 -0.70 2.16
C ARG A 39 -7.55 -2.20 2.17
N LEU A 40 -6.60 -2.66 1.35
CA LEU A 40 -6.30 -4.10 1.32
C LEU A 40 -5.74 -4.57 2.65
N ALA A 41 -4.90 -3.76 3.30
CA ALA A 41 -4.39 -4.12 4.61
C ALA A 41 -5.50 -4.09 5.66
N LEU A 42 -6.41 -3.11 5.57
CA LEU A 42 -7.54 -3.08 6.49
C LEU A 42 -8.52 -4.19 6.22
N LEU A 43 -8.69 -4.59 4.95
CA LEU A 43 -9.54 -5.74 4.64
C LEU A 43 -8.95 -7.02 5.21
N GLU A 44 -7.63 -7.19 5.10
CA GLU A 44 -6.98 -8.34 5.72
C GLU A 44 -7.23 -8.37 7.23
N GLU A 45 -7.17 -7.20 7.87
CA GLU A 45 -7.32 -7.15 9.32
C GLU A 45 -8.76 -7.43 9.75
N ARG A 46 -9.74 -7.03 8.95
CA ARG A 46 -11.13 -7.35 9.29
C ARG A 46 -11.41 -8.83 9.10
N LEU A 47 -11.00 -9.39 7.96
CA LEU A 47 -11.18 -10.81 7.73
C LEU A 47 -10.36 -11.67 8.69
N GLY A 48 -9.28 -11.12 9.24
CA GLY A 48 -8.46 -11.88 10.17
C GLY A 48 -7.65 -12.99 9.53
N VAL A 49 -7.31 -12.84 8.26
CA VAL A 49 -6.53 -13.82 7.52
C VAL A 49 -5.41 -13.10 6.79
N ARG A 50 -4.55 -13.89 6.14
CA ARG A 50 -3.44 -13.37 5.34
C ARG A 50 -3.76 -13.67 3.88
N LEU A 51 -4.16 -12.63 3.15
CA LEU A 51 -4.50 -12.79 1.75
C LEU A 51 -3.31 -12.63 0.82
N ILE A 52 -2.31 -11.86 1.24
CA ILE A 52 -1.24 -11.40 0.36
C ILE A 52 0.10 -11.85 0.93
N GLN A 53 0.99 -12.30 0.05
N GLN A 53 0.99 -12.30 0.05
CA GLN A 53 2.35 -12.67 0.43
CA GLN A 53 2.35 -12.66 0.43
C GLN A 53 3.21 -11.41 0.40
C GLN A 53 3.21 -11.41 0.40
N ARG A 54 3.54 -10.89 1.59
CA ARG A 54 4.38 -9.70 1.70
C ARG A 54 5.86 -9.99 1.42
N SER A 55 6.23 -11.26 1.25
CA SER A 55 7.62 -11.64 1.10
C SER A 55 8.06 -11.74 -0.35
N THR A 56 7.14 -11.81 -1.30
CA THR A 56 7.50 -11.96 -2.70
C THR A 56 7.95 -10.61 -3.28
N ARG A 57 8.78 -10.70 -4.33
CA ARG A 57 9.19 -9.48 -5.03
C ARG A 57 7.99 -8.77 -5.64
N ARG A 58 7.14 -9.51 -6.32
CA ARG A 58 5.92 -8.97 -6.91
C ARG A 58 4.69 -9.34 -6.07
N PHE A 59 3.54 -8.82 -6.47
CA PHE A 59 2.31 -9.08 -5.75
C PHE A 59 1.89 -10.54 -5.93
N ALA A 60 1.52 -11.18 -4.82
CA ALA A 60 1.14 -12.58 -4.83
C ALA A 60 0.17 -12.86 -3.70
N VAL A 61 -0.76 -13.77 -3.95
CA VAL A 61 -1.81 -14.10 -2.99
C VAL A 61 -1.51 -15.46 -2.38
N THR A 62 -2.02 -15.66 -1.17
CA THR A 62 -1.95 -16.94 -0.50
C THR A 62 -2.98 -17.91 -1.09
N ASP A 63 -2.95 -19.15 -0.63
CA ASP A 63 -3.96 -20.12 -1.05
C ASP A 63 -5.35 -19.64 -0.66
N VAL A 64 -5.50 -19.16 0.57
CA VAL A 64 -6.77 -18.54 0.97
C VAL A 64 -7.05 -17.32 0.11
N GLY A 65 -6.02 -16.52 -0.18
CA GLY A 65 -6.20 -15.34 -1.00
C GLY A 65 -6.75 -15.65 -2.38
N ARG A 66 -6.34 -16.80 -2.95
N ARG A 66 -6.36 -16.80 -2.94
CA ARG A 66 -6.85 -17.18 -4.27
CA ARG A 66 -6.87 -17.15 -4.28
C ARG A 66 -8.33 -17.54 -4.20
C ARG A 66 -8.33 -17.56 -4.22
N THR A 67 -8.73 -18.29 -3.17
CA THR A 67 -10.14 -18.65 -3.02
C THR A 67 -11.00 -17.43 -2.80
N TYR A 68 -10.56 -16.52 -1.93
CA TYR A 68 -11.33 -15.31 -1.67
C TYR A 68 -11.46 -14.45 -2.93
N TYR A 69 -10.40 -14.37 -3.73
CA TYR A 69 -10.44 -13.56 -4.94
C TYR A 69 -11.49 -14.08 -5.91
N GLU A 70 -11.53 -15.40 -6.12
CA GLU A 70 -12.48 -15.96 -7.07
C GLU A 70 -13.91 -15.63 -6.65
N HIS A 71 -14.20 -15.64 -5.34
CA HIS A 71 -15.49 -15.19 -4.86
C HIS A 71 -15.69 -13.71 -5.14
N CYS A 72 -14.63 -12.90 -4.95
CA CYS A 72 -14.72 -11.49 -5.26
C CYS A 72 -14.99 -11.27 -6.74
N LYS A 73 -14.36 -12.07 -7.60
CA LYS A 73 -14.56 -11.93 -9.03
C LYS A 73 -16.00 -12.24 -9.41
N ALA A 74 -16.61 -13.22 -8.73
CA ALA A 74 -18.01 -13.54 -8.99
C ALA A 74 -18.91 -12.36 -8.66
N ILE A 76 -18.19 -9.23 -8.57
CA ILE A 76 -17.97 -8.17 -9.56
C ILE A 76 -18.74 -8.46 -10.83
N GLU A 77 -18.72 -9.72 -11.29
CA GLU A 77 -19.44 -10.07 -12.50
C GLU A 77 -20.93 -9.77 -12.37
N GLU A 78 -21.50 -10.00 -11.18
CA GLU A 78 -22.91 -9.66 -10.97
C GLU A 78 -23.13 -8.16 -11.01
N ALA A 79 -22.26 -7.39 -10.36
CA ALA A 79 -22.40 -5.94 -10.37
C ALA A 79 -22.30 -5.38 -11.78
N ARG A 80 -21.50 -6.01 -12.64
CA ARG A 80 -21.45 -5.58 -14.03
C ARG A 80 -22.70 -5.97 -14.79
N ALA A 81 -23.29 -7.13 -14.46
CA ALA A 81 -24.54 -7.52 -15.07
C ALA A 81 -25.66 -6.55 -14.69
N ALA A 82 -25.61 -6.01 -13.47
CA ALA A 82 -26.57 -5.00 -13.07
C ALA A 82 -26.44 -3.75 -13.92
N GLN A 83 -25.22 -3.26 -14.08
CA GLN A 83 -24.99 -2.09 -14.93
C GLN A 83 -25.33 -2.39 -16.39
N GLU A 84 -25.06 -3.62 -16.84
CA GLU A 84 -25.31 -3.93 -18.25
C GLU A 84 -26.78 -3.99 -18.58
N SER A 85 -27.64 -4.31 -17.60
CA SER A 85 -29.07 -4.27 -17.85
C SER A 85 -29.57 -2.84 -18.07
N ILE A 86 -28.83 -1.85 -17.61
CA ILE A 86 -29.17 -0.45 -17.84
C ILE A 86 -28.63 0.03 -19.19
N ASP A 87 -27.43 -0.40 -19.54
CA ASP A 87 -26.80 0.02 -20.79
C ASP A 87 -27.59 -0.38 -22.03
N LEU A 88 -28.57 -1.27 -21.89
CA LEU A 88 -29.45 -1.61 -23.00
C LEU A 88 -30.48 -0.53 -23.28
N THR A 89 -30.57 0.50 -22.44
CA THR A 89 -31.52 1.58 -22.64
C THR A 89 -30.83 2.83 -23.17
N ALA B 3 -13.97 2.13 -14.79
CA ALA B 3 -14.05 1.69 -13.40
C ALA B 3 -15.50 1.69 -12.91
N HIS B 5 -18.50 2.31 -9.74
CA HIS B 5 -18.86 3.32 -8.75
C HIS B 5 -19.02 2.63 -7.39
N ASP B 6 -19.77 3.24 -6.47
CA ASP B 6 -19.90 2.70 -5.13
C ASP B 6 -20.78 1.46 -5.16
N LEU B 7 -20.19 0.30 -4.88
CA LEU B 7 -20.94 -0.94 -4.88
C LEU B 7 -21.94 -1.02 -3.74
N ASN B 8 -21.73 -0.28 -2.66
CA ASN B 8 -22.65 -0.32 -1.53
C ASN B 8 -24.03 0.22 -1.89
N ASP B 9 -24.13 1.04 -2.94
CA ASP B 9 -25.43 1.58 -3.33
C ASP B 9 -26.34 0.48 -3.88
N LEU B 10 -25.76 -0.49 -4.60
CA LEU B 10 -26.56 -1.60 -5.09
C LEU B 10 -27.08 -2.45 -3.93
N TYR B 11 -26.32 -2.52 -2.84
CA TYR B 11 -26.80 -3.18 -1.63
C TYR B 11 -27.86 -2.36 -0.93
N TYR B 12 -27.67 -1.04 -0.88
CA TYR B 12 -28.71 -0.16 -0.33
C TYR B 12 -30.00 -0.28 -1.12
N TYR B 13 -29.91 -0.31 -2.46
CA TYR B 13 -31.09 -0.38 -3.30
C TYR B 13 -31.87 -1.67 -3.04
N ALA B 14 -31.18 -2.80 -2.89
CA ALA B 14 -31.86 -4.05 -2.64
C ALA B 14 -32.62 -4.00 -1.31
N GLU B 15 -32.03 -3.39 -0.28
CA GLU B 15 -32.70 -3.31 1.01
C GLU B 15 -33.93 -2.41 0.95
N VAL B 16 -33.84 -1.29 0.20
CA VAL B 16 -35.00 -0.44 0.02
C VAL B 16 -36.12 -1.21 -0.66
N VAL B 17 -35.79 -2.04 -1.64
CA VAL B 17 -36.81 -2.80 -2.36
C VAL B 17 -37.42 -3.87 -1.46
N GLU B 18 -36.57 -4.67 -0.81
CA GLU B 18 -37.08 -5.76 0.02
C GLU B 18 -37.86 -5.23 1.22
N HIS B 19 -37.47 -4.10 1.77
CA HIS B 19 -38.20 -3.52 2.89
C HIS B 19 -39.39 -2.68 2.45
N GLY B 20 -39.45 -2.29 1.18
CA GLY B 20 -40.58 -1.54 0.68
C GLY B 20 -40.62 -0.09 1.12
N GLY B 21 -39.49 0.58 1.15
CA GLY B 21 -39.45 2.00 1.47
C GLY B 21 -38.16 2.38 2.14
N PHE B 22 -37.90 3.69 2.14
CA PHE B 22 -36.66 4.21 2.71
C PHE B 22 -36.65 4.08 4.23
N SER B 23 -37.80 4.30 4.88
CA SER B 23 -37.85 4.29 6.33
C SER B 23 -37.41 2.95 6.90
N ALA B 24 -38.02 1.86 6.42
CA ALA B 24 -37.68 0.54 6.94
C ALA B 24 -36.23 0.19 6.63
N ALA B 25 -35.81 0.38 5.38
CA ALA B 25 -34.44 0.05 5.01
C ALA B 25 -33.43 0.87 5.80
N ALA B 26 -33.77 2.11 6.15
CA ALA B 26 -32.84 2.94 6.92
C ALA B 26 -32.64 2.41 8.33
N ARG B 27 -33.64 1.72 8.87
N ARG B 27 -33.64 1.73 8.88
CA ARG B 27 -33.51 1.20 10.24
CA ARG B 27 -33.52 1.19 10.24
C ARG B 27 -32.58 -0.01 10.30
C ARG B 27 -32.56 0.02 10.28
N VAL B 28 -32.77 -0.98 9.41
CA VAL B 28 -31.93 -2.17 9.44
C VAL B 28 -30.52 -1.89 8.94
N LEU B 29 -30.31 -0.83 8.16
CA LEU B 29 -28.98 -0.47 7.70
C LEU B 29 -28.25 0.46 8.66
N GLY B 30 -28.94 0.98 9.68
CA GLY B 30 -28.32 1.92 10.60
C GLY B 30 -27.99 3.26 9.98
N LEU B 31 -28.75 3.66 8.95
CA LEU B 31 -28.51 4.90 8.23
C LEU B 31 -29.69 5.85 8.39
N PRO B 32 -29.45 7.16 8.28
CA PRO B 32 -30.57 8.09 8.20
C PRO B 32 -31.23 8.02 6.83
N LYS B 33 -32.51 8.41 6.79
CA LYS B 33 -33.26 8.38 5.54
C LYS B 33 -32.65 9.34 4.51
N SER B 34 -32.14 10.48 4.97
CA SER B 34 -31.55 11.46 4.06
C SER B 34 -30.37 10.86 3.30
N LYS B 35 -29.45 10.22 4.03
CA LYS B 35 -28.32 9.55 3.37
C LYS B 35 -28.82 8.50 2.39
N LEU B 36 -29.76 7.66 2.83
CA LEU B 36 -30.30 6.62 1.96
C LEU B 36 -30.96 7.22 0.73
N SER B 37 -31.74 8.29 0.91
CA SER B 37 -32.35 8.96 -0.23
C SER B 37 -31.32 9.65 -1.10
N ARG B 38 -30.24 10.16 -0.51
CA ARG B 38 -29.19 10.81 -1.30
C ARG B 38 -28.50 9.81 -2.22
N ARG B 39 -28.26 8.59 -1.73
CA ARG B 39 -27.52 7.61 -2.52
C ARG B 39 -28.33 7.15 -3.72
N LEU B 40 -29.61 6.83 -3.50
CA LEU B 40 -30.43 6.32 -4.60
C LEU B 40 -30.73 7.40 -5.63
N ALA B 41 -30.86 8.65 -5.18
CA ALA B 41 -30.99 9.76 -6.11
C ALA B 41 -29.80 9.80 -7.06
N LEU B 42 -28.59 9.78 -6.51
CA LEU B 42 -27.39 9.71 -7.34
C LEU B 42 -27.38 8.46 -8.21
N LEU B 43 -27.92 7.34 -7.70
CA LEU B 43 -27.92 6.11 -8.47
C LEU B 43 -28.82 6.21 -9.69
N GLU B 44 -30.07 6.63 -9.49
CA GLU B 44 -30.97 6.83 -10.62
C GLU B 44 -30.41 7.83 -11.62
N GLU B 45 -29.73 8.86 -11.13
CA GLU B 45 -29.18 9.86 -12.02
C GLU B 45 -28.09 9.28 -12.92
N ARG B 46 -27.10 8.61 -12.33
CA ARG B 46 -26.02 8.08 -13.15
C ARG B 46 -26.51 6.96 -14.06
N LEU B 47 -27.50 6.18 -13.61
CA LEU B 47 -28.08 5.16 -14.47
C LEU B 47 -28.90 5.76 -15.59
N GLY B 48 -29.51 6.91 -15.35
CA GLY B 48 -30.37 7.51 -16.34
C GLY B 48 -31.73 6.87 -16.45
N VAL B 49 -32.13 6.05 -15.49
CA VAL B 49 -33.44 5.41 -15.47
C VAL B 49 -34.06 5.61 -14.09
N ARG B 50 -35.38 5.55 -14.04
CA ARG B 50 -36.10 5.60 -12.79
C ARG B 50 -36.27 4.19 -12.26
N LEU B 51 -35.81 3.97 -11.02
CA LEU B 51 -35.89 2.65 -10.40
C LEU B 51 -37.16 2.48 -9.57
N ILE B 52 -37.47 3.46 -8.73
CA ILE B 52 -38.61 3.40 -7.83
C ILE B 52 -39.72 4.28 -8.38
N GLN B 53 -40.96 3.77 -8.31
CA GLN B 53 -42.10 4.57 -8.72
C GLN B 53 -42.37 5.67 -7.71
N ARG B 54 -42.87 6.80 -8.22
CA ARG B 54 -43.28 7.92 -7.39
C ARG B 54 -44.79 8.16 -7.40
N SER B 55 -45.53 7.40 -8.22
CA SER B 55 -46.97 7.62 -8.30
C SER B 55 -47.67 7.19 -7.03
N THR B 56 -47.30 6.04 -6.48
CA THR B 56 -47.93 5.52 -5.26
C THR B 56 -46.89 5.29 -4.18
N PHE B 59 -45.08 2.39 -1.84
CA PHE B 59 -43.80 2.05 -2.45
C PHE B 59 -43.99 1.07 -3.60
N ALA B 60 -43.34 1.36 -4.73
CA ALA B 60 -43.42 0.49 -5.88
C ALA B 60 -42.18 0.71 -6.73
N VAL B 61 -41.69 -0.36 -7.32
CA VAL B 61 -40.50 -0.33 -8.14
C VAL B 61 -40.91 -0.36 -9.60
N THR B 62 -40.10 0.26 -10.45
CA THR B 62 -40.37 0.28 -11.87
C THR B 62 -39.96 -1.05 -12.51
N ASP B 63 -40.35 -1.23 -13.78
N ASP B 63 -40.38 -1.23 -13.77
CA ASP B 63 -40.03 -2.48 -14.48
CA ASP B 63 -40.04 -2.46 -14.49
C ASP B 63 -38.53 -2.68 -14.59
C ASP B 63 -38.53 -2.66 -14.56
N VAL B 64 -37.81 -1.66 -15.05
CA VAL B 64 -36.36 -1.77 -15.11
C VAL B 64 -35.75 -1.74 -13.71
N GLY B 65 -36.45 -1.15 -12.75
CA GLY B 65 -35.97 -1.19 -11.38
C GLY B 65 -36.04 -2.58 -10.78
N ARG B 66 -37.10 -3.34 -11.10
CA ARG B 66 -37.18 -4.72 -10.65
C ARG B 66 -36.10 -5.58 -11.30
N THR B 67 -35.87 -5.40 -12.60
CA THR B 67 -34.83 -6.14 -13.28
C THR B 67 -33.46 -5.82 -12.70
N TYR B 68 -33.21 -4.54 -12.39
CA TYR B 68 -31.93 -4.15 -11.80
C TYR B 68 -31.77 -4.75 -10.41
N TYR B 69 -32.86 -4.85 -9.65
CA TYR B 69 -32.79 -5.44 -8.32
C TYR B 69 -32.35 -6.90 -8.37
N GLU B 70 -32.84 -7.64 -9.39
CA GLU B 70 -32.52 -9.05 -9.51
C GLU B 70 -31.01 -9.28 -9.54
N HIS B 71 -30.26 -8.36 -10.17
CA HIS B 71 -28.82 -8.49 -10.19
C HIS B 71 -28.19 -8.05 -8.88
N CYS B 72 -28.74 -7.01 -8.25
CA CYS B 72 -28.25 -6.58 -6.94
C CYS B 72 -28.40 -7.70 -5.91
N LYS B 73 -29.50 -8.45 -5.99
CA LYS B 73 -29.69 -9.59 -5.10
C LYS B 73 -28.59 -10.63 -5.32
N ALA B 74 -28.30 -10.95 -6.58
CA ALA B 74 -27.23 -11.90 -6.88
C ALA B 74 -25.88 -11.38 -6.42
N ILE B 76 -25.27 -9.42 -3.87
CA ILE B 76 -25.20 -9.55 -2.42
C ILE B 76 -24.93 -11.00 -2.02
N GLU B 77 -25.54 -11.94 -2.72
CA GLU B 77 -25.32 -13.35 -2.43
C GLU B 77 -23.86 -13.74 -2.63
N GLU B 78 -23.25 -13.27 -3.71
CA GLU B 78 -21.84 -13.57 -3.96
C GLU B 78 -20.94 -12.88 -2.95
N ALA B 79 -21.32 -11.68 -2.49
CA ALA B 79 -20.56 -11.04 -1.43
C ALA B 79 -20.67 -11.84 -0.14
N ARG B 80 -21.86 -12.39 0.14
CA ARG B 80 -22.01 -13.24 1.31
C ARG B 80 -21.21 -14.53 1.17
N ALA B 81 -21.13 -15.08 -0.05
CA ALA B 81 -20.34 -16.27 -0.27
C ALA B 81 -18.85 -16.00 -0.09
N ALA B 82 -18.40 -14.78 -0.43
CA ALA B 82 -16.99 -14.45 -0.25
C ALA B 82 -16.61 -14.46 1.21
N GLN B 83 -17.43 -13.84 2.06
CA GLN B 83 -17.15 -13.83 3.50
C GLN B 83 -17.20 -15.24 4.07
N GLU B 84 -18.11 -16.08 3.58
CA GLU B 84 -18.20 -17.44 4.07
C GLU B 84 -16.91 -18.21 3.80
N SER B 85 -16.29 -17.97 2.63
CA SER B 85 -15.02 -18.61 2.34
C SER B 85 -13.94 -18.20 3.34
N ILE B 86 -14.10 -17.06 4.00
CA ILE B 86 -13.20 -16.67 5.09
C ILE B 86 -13.63 -17.31 6.41
N ASP B 87 -14.93 -17.24 6.72
CA ASP B 87 -15.43 -17.82 7.96
C ASP B 87 -15.17 -19.31 8.02
N LEU B 88 -15.23 -20.00 6.87
CA LEU B 88 -14.90 -21.42 6.84
C LEU B 88 -13.43 -21.65 7.14
N THR B 89 -12.56 -20.79 6.62
CA THR B 89 -11.12 -20.92 6.90
C THR B 89 -10.82 -20.61 8.36
N ARG B 90 -11.64 -19.78 9.01
CA ARG B 90 -11.41 -19.43 10.40
C ARG B 90 -12.53 -19.96 11.29
N SER C 1 23.20 20.28 10.33
CA SER C 1 22.38 19.11 10.06
C SER C 1 23.24 17.86 9.87
N ASN C 2 22.63 16.69 10.02
CA ASN C 2 23.30 15.39 9.83
C ASN C 2 22.45 14.57 8.86
N ALA C 3 22.79 14.64 7.58
CA ALA C 3 22.06 13.89 6.57
C ALA C 3 22.27 12.39 6.70
N HIS C 5 22.30 10.51 9.47
CA HIS C 5 21.89 10.05 10.79
C HIS C 5 21.43 8.59 10.77
N ASP C 6 20.30 8.32 10.13
CA ASP C 6 19.77 6.96 10.05
C ASP C 6 18.93 6.89 8.78
N LEU C 7 19.52 6.31 7.72
CA LEU C 7 18.83 6.26 6.43
C LEU C 7 17.57 5.43 6.48
N ASN C 8 17.44 4.51 7.44
CA ASN C 8 16.24 3.70 7.53
C ASN C 8 15.02 4.55 7.86
N ASP C 9 15.19 5.62 8.62
CA ASP C 9 14.10 6.56 8.86
C ASP C 9 13.51 7.07 7.54
N LEU C 10 14.38 7.35 6.57
CA LEU C 10 13.90 7.86 5.28
C LEU C 10 13.18 6.76 4.50
N TYR C 11 13.64 5.52 4.62
CA TYR C 11 12.97 4.41 3.97
C TYR C 11 11.62 4.11 4.63
N TYR C 12 11.55 4.24 5.96
CA TYR C 12 10.29 4.01 6.65
C TYR C 12 9.27 5.09 6.30
N TYR C 13 9.70 6.36 6.33
CA TYR C 13 8.79 7.47 6.04
C TYR C 13 8.19 7.34 4.65
N ALA C 14 9.02 7.03 3.64
CA ALA C 14 8.52 6.95 2.27
C ALA C 14 7.48 5.86 2.13
N GLU C 15 7.69 4.71 2.78
CA GLU C 15 6.77 3.59 2.61
C GLU C 15 5.46 3.82 3.34
N VAL C 16 5.49 4.52 4.48
CA VAL C 16 4.23 4.90 5.13
C VAL C 16 3.42 5.80 4.21
N VAL C 17 4.08 6.76 3.55
CA VAL C 17 3.39 7.65 2.63
C VAL C 17 2.90 6.89 1.41
N GLU C 18 3.72 5.98 0.87
CA GLU C 18 3.36 5.30 -0.36
C GLU C 18 2.20 4.34 -0.15
N HIS C 19 2.02 3.83 1.07
CA HIS C 19 0.99 2.83 1.34
C HIS C 19 -0.14 3.37 2.22
N GLY C 20 -0.26 4.70 2.30
CA GLY C 20 -1.45 5.29 2.89
C GLY C 20 -1.57 5.22 4.38
N GLY C 21 -0.46 5.08 5.11
CA GLY C 21 -0.50 5.09 6.54
C GLY C 21 0.30 3.96 7.13
N PHE C 22 0.19 3.80 8.44
CA PHE C 22 0.96 2.80 9.17
C PHE C 22 0.37 1.40 9.11
N SER C 23 -0.86 1.27 8.60
CA SER C 23 -1.48 -0.06 8.52
C SER C 23 -0.78 -0.92 7.47
N ALA C 24 -0.83 -0.49 6.21
CA ALA C 24 -0.19 -1.26 5.15
C ALA C 24 1.33 -1.22 5.26
N ALA C 25 1.88 -0.12 5.78
CA ALA C 25 3.33 -0.02 5.93
C ALA C 25 3.86 -1.10 6.85
N ALA C 26 3.16 -1.37 7.96
CA ALA C 26 3.59 -2.42 8.87
C ALA C 26 3.59 -3.78 8.19
N ARG C 27 2.55 -4.06 7.40
CA ARG C 27 2.47 -5.36 6.72
C ARG C 27 3.56 -5.49 5.67
N VAL C 28 3.87 -4.39 4.96
CA VAL C 28 4.87 -4.46 3.90
C VAL C 28 6.27 -4.53 4.48
N LEU C 29 6.57 -3.65 5.45
CA LEU C 29 7.91 -3.54 5.99
C LEU C 29 8.24 -4.62 7.01
N GLY C 30 7.25 -5.37 7.49
CA GLY C 30 7.53 -6.33 8.54
C GLY C 30 7.98 -5.68 9.83
N LEU C 31 7.36 -4.57 10.21
CA LEU C 31 7.71 -3.81 11.40
C LEU C 31 6.45 -3.34 12.09
N PRO C 32 6.39 -3.41 13.42
CA PRO C 32 5.18 -3.00 14.13
C PRO C 32 4.89 -1.52 13.93
N LYS C 33 3.60 -1.18 13.97
CA LYS C 33 3.19 0.21 13.82
C LYS C 33 3.83 1.10 14.88
N SER C 34 3.97 0.58 16.10
CA SER C 34 4.54 1.37 17.19
C SER C 34 5.95 1.87 16.83
N LYS C 35 6.78 1.01 16.26
CA LYS C 35 8.11 1.43 15.87
C LYS C 35 8.07 2.41 14.70
N LEU C 36 7.25 2.10 13.69
CA LEU C 36 7.13 3.00 12.54
C LEU C 36 6.64 4.37 12.97
N SER C 37 5.61 4.41 13.82
CA SER C 37 5.10 5.70 14.27
C SER C 37 6.12 6.45 15.11
N ARG C 38 6.88 5.73 15.95
CA ARG C 38 7.90 6.38 16.74
C ARG C 38 9.00 6.97 15.87
N ARG C 39 9.41 6.25 14.82
CA ARG C 39 10.52 6.71 13.99
C ARG C 39 10.13 7.99 13.24
N LEU C 40 8.95 7.99 12.62
CA LEU C 40 8.52 9.19 11.90
C LEU C 40 8.31 10.36 12.84
N ALA C 41 7.99 10.09 14.11
CA ALA C 41 7.88 11.16 15.10
C ALA C 41 9.26 11.75 15.40
N LEU C 42 10.23 10.90 15.74
CA LEU C 42 11.58 11.37 16.03
C LEU C 42 12.24 11.96 14.80
N LEU C 43 11.84 11.51 13.60
CA LEU C 43 12.40 12.07 12.38
C LEU C 43 12.03 13.54 12.23
N GLU C 44 10.73 13.85 12.32
CA GLU C 44 10.30 15.24 12.26
C GLU C 44 10.98 16.07 13.36
N GLU C 45 11.13 15.49 14.55
CA GLU C 45 11.83 16.20 15.62
C GLU C 45 13.27 16.50 15.24
N ARG C 46 13.96 15.52 14.66
CA ARG C 46 15.33 15.76 14.21
C ARG C 46 15.37 16.74 13.04
N LEU C 47 14.41 16.62 12.11
CA LEU C 47 14.38 17.53 10.97
C LEU C 47 13.96 18.94 11.38
N GLY C 48 13.07 19.06 12.36
CA GLY C 48 12.60 20.37 12.78
C GLY C 48 11.46 20.93 11.97
N VAL C 49 10.76 20.09 11.21
CA VAL C 49 9.61 20.52 10.42
C VAL C 49 8.51 19.47 10.58
N ARG C 50 7.31 19.82 10.12
CA ARG C 50 6.19 18.90 10.11
C ARG C 50 6.09 18.26 8.73
N LEU C 51 6.27 16.94 8.68
CA LEU C 51 6.09 16.20 7.45
C LEU C 51 4.67 15.67 7.28
N ILE C 52 3.96 15.46 8.39
CA ILE C 52 2.67 14.79 8.41
C ILE C 52 1.64 15.73 9.03
N GLN C 53 0.44 15.73 8.46
CA GLN C 53 -0.69 16.43 9.06
C GLN C 53 -1.27 15.57 10.17
N ARG C 54 -1.40 16.13 11.37
CA ARG C 54 -1.87 15.40 12.53
C ARG C 54 -3.37 15.56 12.76
N SER C 55 -4.09 16.17 11.81
CA SER C 55 -5.51 16.43 11.98
C SER C 55 -6.40 15.73 10.96
N THR C 56 -5.84 15.17 9.90
CA THR C 56 -6.65 14.55 8.86
C THR C 56 -7.21 13.21 9.33
N ARG C 57 -8.25 12.73 8.64
CA ARG C 57 -8.81 11.43 8.94
C ARG C 57 -7.84 10.31 8.58
N ARG C 58 -7.37 10.29 7.33
CA ARG C 58 -6.38 9.33 6.88
C ARG C 58 -5.00 9.98 6.84
N PHE C 59 -3.99 9.16 6.54
CA PHE C 59 -2.61 9.64 6.53
C PHE C 59 -2.42 10.68 5.43
N ALA C 60 -1.80 11.81 5.80
CA ALA C 60 -1.61 12.90 4.86
C ALA C 60 -0.31 13.63 5.19
N VAL C 61 0.44 13.99 4.16
CA VAL C 61 1.70 14.68 4.33
C VAL C 61 1.48 16.17 4.17
N THR C 62 2.44 16.94 4.67
CA THR C 62 2.46 18.37 4.42
C THR C 62 3.11 18.66 3.06
N ASP C 63 3.06 19.93 2.66
CA ASP C 63 3.76 20.35 1.45
C ASP C 63 5.26 20.08 1.57
N VAL C 64 5.83 20.40 2.74
CA VAL C 64 7.22 20.03 3.00
C VAL C 64 7.37 18.52 3.03
N GLY C 65 6.40 17.83 3.64
CA GLY C 65 6.45 16.38 3.66
C GLY C 65 6.43 15.75 2.28
N ARG C 66 5.73 16.39 1.33
CA ARG C 66 5.68 15.86 -0.03
C ARG C 66 7.04 15.94 -0.70
N THR C 67 7.70 17.10 -0.60
CA THR C 67 9.03 17.26 -1.19
C THR C 67 10.02 16.27 -0.59
N TYR C 68 10.02 16.16 0.75
CA TYR C 68 10.92 15.22 1.41
C TYR C 68 10.64 13.78 1.00
N TYR C 69 9.36 13.45 0.81
CA TYR C 69 9.00 12.09 0.42
C TYR C 69 9.52 11.76 -0.98
N GLU C 70 9.47 12.72 -1.90
CA GLU C 70 9.96 12.45 -3.24
C GLU C 70 11.47 12.30 -3.28
N HIS C 71 12.18 12.94 -2.36
CA HIS C 71 13.62 12.71 -2.25
C HIS C 71 13.93 11.36 -1.62
N CYS C 72 13.14 10.96 -0.62
CA CYS C 72 13.30 9.64 -0.03
C CYS C 72 13.13 8.55 -1.08
N LYS C 73 12.12 8.70 -1.95
CA LYS C 73 11.91 7.73 -3.01
C LYS C 73 13.13 7.63 -3.93
N ALA C 74 13.71 8.78 -4.28
CA ALA C 74 14.90 8.77 -5.13
C ALA C 74 16.06 8.05 -4.46
N ILE C 76 15.68 5.60 -2.23
CA ILE C 76 15.32 4.19 -2.19
C ILE C 76 15.58 3.53 -3.55
N GLU C 77 15.22 4.20 -4.64
CA GLU C 77 15.47 3.64 -5.96
C GLU C 77 16.94 3.35 -6.19
N GLU C 78 17.82 4.14 -5.57
CA GLU C 78 19.25 3.86 -5.67
C GLU C 78 19.63 2.65 -4.81
N ALA C 79 19.00 2.50 -3.64
CA ALA C 79 19.24 1.31 -2.83
C ALA C 79 18.69 0.06 -3.50
N ARG C 80 17.63 0.20 -4.30
CA ARG C 80 17.11 -0.95 -5.05
C ARG C 80 18.00 -1.27 -6.24
N ALA C 81 18.55 -0.24 -6.89
CA ALA C 81 19.47 -0.47 -8.01
C ALA C 81 20.77 -1.11 -7.53
N ALA C 82 21.19 -0.82 -6.30
CA ALA C 82 22.36 -1.48 -5.73
C ALA C 82 22.11 -2.98 -5.57
N GLN C 83 20.94 -3.33 -5.02
CA GLN C 83 20.60 -4.75 -4.88
C GLN C 83 20.39 -5.41 -6.23
N GLU C 84 19.89 -4.67 -7.22
CA GLU C 84 19.66 -5.25 -8.54
C GLU C 84 20.96 -5.65 -9.22
N SER C 85 22.02 -4.85 -9.02
CA SER C 85 23.31 -5.21 -9.60
C SER C 85 23.81 -6.55 -9.05
N ILE C 86 23.49 -6.86 -7.79
CA ILE C 86 23.90 -8.13 -7.23
C ILE C 86 23.03 -9.26 -7.75
N ASP C 87 21.70 -9.05 -7.79
CA ASP C 87 20.77 -10.06 -8.29
C ASP C 87 20.95 -10.35 -9.78
N LEU C 88 21.91 -9.71 -10.45
CA LEU C 88 22.29 -10.11 -11.79
C LEU C 88 23.48 -11.05 -11.82
N THR C 89 24.11 -11.30 -10.68
CA THR C 89 25.26 -12.19 -10.62
C THR C 89 24.84 -13.65 -10.73
N ASN D 2 12.58 -8.23 -1.91
CA ASN D 2 11.37 -7.81 -1.21
C ASN D 2 11.65 -6.62 -0.28
N ALA D 3 11.80 -6.90 1.00
CA ALA D 3 12.02 -5.87 2.01
C ALA D 3 13.52 -5.67 2.17
N HIS D 5 17.25 -4.37 3.35
CA HIS D 5 17.87 -4.52 4.65
C HIS D 5 18.46 -3.20 5.12
N ASP D 6 19.31 -3.25 6.16
CA ASP D 6 19.87 -2.06 6.78
C ASP D 6 20.58 -1.18 5.77
N LEU D 7 19.97 -0.04 5.44
CA LEU D 7 20.52 0.83 4.40
C LEU D 7 21.80 1.53 4.84
N ASN D 8 22.03 1.66 6.15
CA ASN D 8 23.25 2.28 6.63
C ASN D 8 24.49 1.51 6.17
N ASP D 9 24.36 0.20 5.96
CA ASP D 9 25.49 -0.61 5.52
C ASP D 9 25.99 -0.18 4.15
N LEU D 10 25.08 0.26 3.27
CA LEU D 10 25.53 0.78 1.99
C LEU D 10 26.29 2.09 2.16
N TYR D 11 25.99 2.84 3.20
CA TYR D 11 26.74 4.06 3.49
C TYR D 11 28.11 3.74 4.09
N TYR D 12 28.15 2.76 5.00
CA TYR D 12 29.43 2.37 5.60
C TYR D 12 30.35 1.77 4.54
N TYR D 13 29.79 0.98 3.62
CA TYR D 13 30.60 0.37 2.58
C TYR D 13 31.27 1.44 1.72
N ALA D 14 30.50 2.43 1.27
CA ALA D 14 31.07 3.48 0.44
C ALA D 14 32.20 4.21 1.14
N GLU D 15 32.04 4.46 2.45
CA GLU D 15 33.11 5.14 3.18
C GLU D 15 34.34 4.28 3.33
N VAL D 16 34.17 2.96 3.48
CA VAL D 16 35.32 2.06 3.50
C VAL D 16 36.04 2.10 2.16
N VAL D 17 35.28 2.08 1.07
CA VAL D 17 35.88 2.12 -0.26
C VAL D 17 36.56 3.46 -0.51
N GLU D 18 35.88 4.55 -0.20
CA GLU D 18 36.45 5.88 -0.43
C GLU D 18 37.69 6.10 0.42
N HIS D 19 37.62 5.77 1.71
CA HIS D 19 38.77 5.92 2.58
C HIS D 19 39.80 4.82 2.40
N GLY D 20 39.47 3.77 1.65
CA GLY D 20 40.45 2.75 1.33
C GLY D 20 40.82 1.82 2.47
N GLY D 21 39.87 1.47 3.32
CA GLY D 21 40.14 0.52 4.38
C GLY D 21 39.20 0.74 5.55
N PHE D 22 39.21 -0.26 6.45
CA PHE D 22 38.35 -0.22 7.62
C PHE D 22 38.84 0.81 8.62
N SER D 23 40.14 0.84 8.90
CA SER D 23 40.69 1.75 9.90
C SER D 23 40.42 3.20 9.54
N ALA D 24 40.57 3.55 8.26
CA ALA D 24 40.36 4.93 7.85
C ALA D 24 38.90 5.32 7.97
N ALA D 25 38.00 4.49 7.44
CA ALA D 25 36.58 4.80 7.50
C ALA D 25 36.05 4.74 8.93
N ALA D 26 36.65 3.90 9.77
CA ALA D 26 36.16 3.77 11.14
C ALA D 26 36.31 5.08 11.92
N ARG D 27 37.41 5.79 11.70
CA ARG D 27 37.61 7.06 12.38
C ARG D 27 36.61 8.11 11.90
N VAL D 28 36.43 8.20 10.58
CA VAL D 28 35.55 9.22 10.01
C VAL D 28 34.10 8.96 10.41
N LEU D 29 33.69 7.69 10.43
CA LEU D 29 32.33 7.32 10.75
C LEU D 29 32.02 7.32 12.25
N GLY D 30 33.02 7.55 13.09
CA GLY D 30 32.79 7.50 14.53
C GLY D 30 32.38 6.14 15.05
N LEU D 31 32.75 5.08 14.34
CA LEU D 31 32.40 3.70 14.67
C LEU D 31 33.65 2.89 14.93
N PRO D 32 33.58 1.87 15.80
CA PRO D 32 34.74 1.01 16.01
C PRO D 32 35.00 0.13 14.80
N LYS D 33 36.28 -0.27 14.67
CA LYS D 33 36.70 -1.11 13.55
C LYS D 33 35.95 -2.43 13.54
N SER D 34 35.65 -2.99 14.71
CA SER D 34 34.97 -4.28 14.78
C SER D 34 33.54 -4.18 14.27
N LYS D 35 32.80 -3.16 14.72
CA LYS D 35 31.44 -2.97 14.24
C LYS D 35 31.39 -2.85 12.73
N LEU D 36 32.25 -2.00 12.18
CA LEU D 36 32.28 -1.79 10.73
C LEU D 36 32.58 -3.08 9.98
N SER D 37 33.52 -3.86 10.48
CA SER D 37 33.88 -5.11 9.82
C SER D 37 32.72 -6.10 9.85
N ARG D 38 32.05 -6.22 10.99
CA ARG D 38 30.93 -7.16 11.10
C ARG D 38 29.78 -6.77 10.17
N ARG D 39 29.57 -5.47 9.98
CA ARG D 39 28.52 -5.04 9.05
C ARG D 39 28.84 -5.48 7.62
N LEU D 40 30.08 -5.31 7.19
CA LEU D 40 30.43 -5.69 5.82
C LEU D 40 30.51 -7.20 5.66
N ALA D 41 30.77 -7.93 6.74
CA ALA D 41 30.65 -9.38 6.68
C ALA D 41 29.21 -9.80 6.43
N LEU D 42 28.27 -9.23 7.19
CA LEU D 42 26.85 -9.51 6.98
C LEU D 42 26.40 -9.09 5.59
N LEU D 43 27.00 -8.04 5.03
CA LEU D 43 26.60 -7.56 3.72
C LEU D 43 27.05 -8.52 2.63
N GLU D 44 28.34 -8.88 2.63
CA GLU D 44 28.83 -9.85 1.66
C GLU D 44 28.08 -11.18 1.76
N GLU D 45 27.71 -11.58 2.99
CA GLU D 45 27.02 -12.84 3.17
C GLU D 45 25.62 -12.80 2.56
N ARG D 46 24.84 -11.76 2.86
CA ARG D 46 23.50 -11.71 2.31
C ARG D 46 23.51 -11.43 0.81
N LEU D 47 24.50 -10.68 0.33
CA LEU D 47 24.62 -10.46 -1.11
C LEU D 47 25.13 -11.69 -1.83
N GLY D 48 25.94 -12.51 -1.18
CA GLY D 48 26.45 -13.71 -1.80
C GLY D 48 27.61 -13.48 -2.74
N VAL D 49 28.27 -12.31 -2.66
CA VAL D 49 29.42 -12.00 -3.48
C VAL D 49 30.49 -11.39 -2.57
N ARG D 50 31.72 -11.39 -3.08
CA ARG D 50 32.84 -10.75 -2.37
C ARG D 50 32.97 -9.33 -2.89
N LEU D 51 32.89 -8.36 -1.97
CA LEU D 51 33.01 -6.96 -2.33
C LEU D 51 34.45 -6.46 -2.26
N ILE D 52 35.21 -6.93 -1.28
CA ILE D 52 36.57 -6.47 -1.02
C ILE D 52 37.52 -7.63 -1.25
N GLN D 53 38.56 -7.39 -2.06
CA GLN D 53 39.57 -8.41 -2.27
C GLN D 53 40.32 -8.70 -0.97
N ARG D 54 40.73 -9.95 -0.80
CA ARG D 54 41.45 -10.38 0.38
C ARG D 54 42.91 -10.69 0.13
N SER D 55 43.28 -11.02 -1.12
CA SER D 55 44.64 -11.48 -1.41
C SER D 55 45.65 -10.34 -1.33
N THR D 56 45.33 -9.20 -1.93
CA THR D 56 46.28 -8.09 -2.00
C THR D 56 46.48 -7.46 -0.63
N ARG D 57 47.68 -6.94 -0.41
CA ARG D 57 48.00 -6.27 0.84
C ARG D 57 47.54 -4.82 0.86
N ARG D 58 47.42 -4.20 -0.30
CA ARG D 58 46.81 -2.88 -0.40
C ARG D 58 45.32 -3.04 -0.64
N PHE D 59 44.52 -2.19 0.02
CA PHE D 59 43.07 -2.31 -0.06
C PHE D 59 42.60 -2.12 -1.50
N ALA D 60 41.61 -2.93 -1.89
CA ALA D 60 41.02 -2.88 -3.21
C ALA D 60 39.74 -3.68 -3.19
N VAL D 61 38.74 -3.22 -3.93
CA VAL D 61 37.46 -3.89 -4.01
C VAL D 61 37.42 -4.72 -5.29
N THR D 62 36.58 -5.74 -5.29
CA THR D 62 36.39 -6.57 -6.46
C THR D 62 35.71 -5.78 -7.57
N ASP D 63 35.63 -6.39 -8.75
N ASP D 63 35.64 -6.40 -8.75
CA ASP D 63 34.98 -5.73 -9.88
CA ASP D 63 34.98 -5.76 -9.89
C ASP D 63 33.50 -5.47 -9.58
C ASP D 63 33.52 -5.48 -9.57
N VAL D 64 32.80 -6.49 -9.07
CA VAL D 64 31.42 -6.30 -8.67
C VAL D 64 31.31 -5.40 -7.45
N GLY D 65 32.39 -5.29 -6.67
CA GLY D 65 32.37 -4.40 -5.52
C GLY D 65 32.41 -2.93 -5.90
N ARG D 66 33.19 -2.59 -6.94
CA ARG D 66 33.21 -1.20 -7.40
C ARG D 66 31.88 -0.83 -8.02
N THR D 67 31.26 -1.75 -8.76
CA THR D 67 29.96 -1.47 -9.37
C THR D 67 28.90 -1.25 -8.30
N TYR D 68 28.86 -2.13 -7.29
CA TYR D 68 27.94 -1.94 -6.18
C TYR D 68 28.22 -0.64 -5.44
N TYR D 69 29.49 -0.24 -5.35
CA TYR D 69 29.84 1.02 -4.71
C TYR D 69 29.25 2.21 -5.47
N GLU D 70 29.22 2.12 -6.80
CA GLU D 70 28.68 3.22 -7.60
C GLU D 70 27.23 3.51 -7.23
N HIS D 71 26.45 2.47 -6.97
CA HIS D 71 25.05 2.68 -6.58
C HIS D 71 24.96 3.18 -5.14
N CYS D 72 25.84 2.74 -4.27
CA CYS D 72 25.85 3.25 -2.89
C CYS D 72 26.17 4.73 -2.87
N LYS D 73 27.16 5.14 -3.67
CA LYS D 73 27.52 6.56 -3.75
C LYS D 73 26.34 7.39 -4.23
N ALA D 74 25.63 6.92 -5.25
CA ALA D 74 24.46 7.65 -5.74
C ALA D 74 23.39 7.74 -4.66
N ILE D 76 23.87 7.85 -1.42
CA ILE D 76 24.30 8.84 -0.43
C ILE D 76 24.02 10.26 -0.94
N GLU D 77 24.21 10.49 -2.23
CA GLU D 77 23.92 11.81 -2.79
C GLU D 77 22.43 12.13 -2.69
N GLU D 78 21.57 11.13 -2.89
CA GLU D 78 20.14 11.36 -2.77
C GLU D 78 19.74 11.62 -1.33
N ALA D 79 20.37 10.94 -0.38
CA ALA D 79 20.10 11.20 1.03
C ALA D 79 20.50 12.61 1.41
N ARG D 80 21.60 13.11 0.85
CA ARG D 80 22.02 14.48 1.12
C ARG D 80 21.06 15.48 0.49
N ALA D 81 20.50 15.16 -0.68
CA ALA D 81 19.51 16.05 -1.29
C ALA D 81 18.25 16.13 -0.43
N ALA D 82 17.85 15.01 0.17
CA ALA D 82 16.67 15.01 1.01
C ALA D 82 16.85 15.93 2.22
N GLN D 83 18.03 15.87 2.86
CA GLN D 83 18.29 16.73 4.00
C GLN D 83 18.42 18.18 3.57
N GLU D 84 19.04 18.44 2.41
CA GLU D 84 19.16 19.80 1.93
C GLU D 84 17.79 20.41 1.65
N SER D 85 16.85 19.60 1.16
CA SER D 85 15.49 20.10 0.97
C SER D 85 14.90 20.60 2.28
N ILE D 86 15.24 19.92 3.39
CA ILE D 86 14.77 20.37 4.69
C ILE D 86 15.48 21.66 5.12
N ASP D 87 16.81 21.67 4.99
CA ASP D 87 17.58 22.84 5.41
C ASP D 87 17.16 24.09 4.65
N LEU D 88 16.72 23.93 3.39
CA LEU D 88 16.30 25.08 2.59
C LEU D 88 14.99 25.66 3.09
N THR D 89 14.12 24.83 3.68
CA THR D 89 12.86 25.34 4.20
C THR D 89 13.01 26.07 5.52
N ARG D 90 14.06 25.77 6.28
CA ARG D 90 14.25 26.40 7.59
C ARG D 90 15.68 26.88 7.78
#